data_5RHU
#
_entry.id   5RHU
#
_cell.length_a   53.630
_cell.length_b   68.700
_cell.length_c   56.960
_cell.angle_alpha   90.000
_cell.angle_beta   92.450
_cell.angle_gamma   90.000
#
_symmetry.space_group_name_H-M   'P 1 21 1'
#
loop_
_entity.id
_entity.type
_entity.pdbx_description
1 polymer 'NS3 Helicase'
2 non-polymer 1,2-ETHANEDIOL
3 non-polymer 'PHOSPHATE ION'
4 non-polymer (4S)-2-METHYL-2,4-PENTANEDIOL
5 non-polymer 1-(3-fluoro-4-methylphenyl)methanesulfonamide
6 water water
#
_entity_poly.entity_id   1
_entity_poly.type   'polypeptide(L)'
_entity_poly.pdbx_seq_one_letter_code
;MLKKKQLTVLDLHPGAGKTRRVLPEIVREAIKKRLRTVILAPTRVVAAEMEEALRGLPVRYMTTAVNVTHSGTEIVDLMC
HATFTSRLLQPIRVPNYNLNIMDEAHFTDPSSIAARGYISTRVEMGEAAAIFMTATPPGTRDAFPDSNSPIMDTEVEVPE
RAWSSGFDWVTDHSGKTVWFVPSVRNGNEIAACLTKAGKRVIQLSRKTFETEFQKTKNQEWDFVITTDISEMGANFKADR
VIDSRRCLKPVILDGERVILAGPMPVTHASAAQRRGRIGRNPNKPGDEYMYGGGCAETDEGHAHWLEARMLLDNIYLQDG
LIASLYRPEADKVAAIEGEFKLRTEQRKTFVELMKRGDLPVWLAYQVASAGITYTDRRWCFDGTTNNTIMEDSVPAEVWT
KYGEKRVLKPRWMDARVCSDHAALKSFKEFAAGKR
;
_entity_poly.pdbx_strand_id   A
#
# COMPACT_ATOMS: atom_id res chain seq x y z
N MET A 1 -1.95 17.43 -21.52
CA MET A 1 -2.11 16.96 -20.12
C MET A 1 -1.89 18.11 -19.13
N LEU A 2 -0.99 19.06 -19.46
CA LEU A 2 -0.30 19.94 -18.47
C LEU A 2 -1.12 21.23 -18.19
N LYS A 3 -2.26 21.44 -18.88
CA LYS A 3 -3.21 22.58 -18.70
C LYS A 3 -3.97 22.47 -17.37
N LYS A 4 -4.16 23.61 -16.68
CA LYS A 4 -4.82 23.65 -15.36
C LYS A 4 -6.21 23.01 -15.47
N LYS A 5 -6.79 22.66 -14.33
CA LYS A 5 -8.09 21.97 -14.21
C LYS A 5 -8.10 20.69 -15.07
N GLN A 6 -6.96 20.12 -15.46
CA GLN A 6 -6.98 18.81 -16.17
C GLN A 6 -6.49 17.66 -15.27
N LEU A 7 -7.26 16.59 -15.17
CA LEU A 7 -6.79 15.30 -14.58
C LEU A 7 -6.80 14.26 -15.69
N THR A 8 -5.63 13.73 -16.03
CA THR A 8 -5.43 12.72 -17.08
C THR A 8 -5.10 11.37 -16.47
N VAL A 9 -5.79 10.31 -16.89
CA VAL A 9 -5.50 8.91 -16.48
C VAL A 9 -4.68 8.28 -17.60
N LEU A 10 -3.40 8.08 -17.34
CA LEU A 10 -2.44 7.43 -18.24
C LEU A 10 -2.51 5.94 -17.91
N ASP A 11 -3.30 5.21 -18.72
CA ASP A 11 -3.74 3.82 -18.45
C ASP A 11 -3.16 2.87 -19.51
N LEU A 12 -1.95 3.14 -20.00
CA LEU A 12 -1.22 2.17 -20.85
C LEU A 12 -1.15 0.86 -20.06
N HIS A 13 -1.13 -0.27 -20.76
CA HIS A 13 -1.07 -1.62 -20.14
C HIS A 13 0.20 -1.79 -19.31
N PRO A 14 0.22 -2.78 -18.38
CA PRO A 14 1.39 -3.00 -17.56
C PRO A 14 2.63 -3.25 -18.44
N GLY A 15 3.78 -2.65 -18.11
CA GLY A 15 5.03 -2.76 -18.90
C GLY A 15 5.05 -1.96 -20.22
N ALA A 16 4.06 -1.10 -20.49
CA ALA A 16 4.01 -0.25 -21.71
C ALA A 16 5.06 0.88 -21.68
N GLY A 17 5.68 1.13 -20.53
CA GLY A 17 6.76 2.14 -20.36
C GLY A 17 6.30 3.43 -19.72
N LYS A 18 5.22 3.39 -18.94
CA LYS A 18 4.69 4.62 -18.27
C LYS A 18 5.82 5.24 -17.44
N THR A 19 6.54 4.44 -16.66
CA THR A 19 7.58 4.98 -15.73
C THR A 19 8.86 5.34 -16.50
N ARG A 20 9.38 4.47 -17.39
CA ARG A 20 10.75 4.63 -17.94
C ARG A 20 10.73 5.49 -19.20
N ARG A 21 9.62 5.55 -19.94
CA ARG A 21 9.57 6.29 -21.23
C ARG A 21 8.70 7.54 -21.09
N VAL A 22 7.46 7.41 -20.57
CA VAL A 22 6.48 8.54 -20.63
C VAL A 22 6.82 9.52 -19.50
N LEU A 23 7.14 9.02 -18.31
CA LEU A 23 7.33 9.95 -17.17
C LEU A 23 8.46 10.94 -17.47
N PRO A 24 9.64 10.53 -18.01
CA PRO A 24 10.67 11.53 -18.28
C PRO A 24 10.23 12.58 -19.29
N GLU A 25 9.46 12.19 -20.32
CA GLU A 25 8.87 13.16 -21.30
C GLU A 25 7.98 14.17 -20.57
N ILE A 26 7.11 13.72 -19.68
CA ILE A 26 6.20 14.62 -18.91
C ILE A 26 7.05 15.61 -18.08
N VAL A 27 8.07 15.11 -17.39
CA VAL A 27 8.92 15.92 -16.49
C VAL A 27 9.68 16.96 -17.31
N ARG A 28 10.21 16.59 -18.46
CA ARG A 28 10.91 17.55 -19.35
C ARG A 28 9.95 18.67 -19.77
N GLU A 29 8.73 18.31 -20.15
CA GLU A 29 7.74 19.32 -20.59
C GLU A 29 7.39 20.22 -19.40
N ALA A 30 7.20 19.64 -18.21
CA ALA A 30 6.86 20.42 -17.00
C ALA A 30 7.95 21.41 -16.66
N ILE A 31 9.22 21.00 -16.77
CA ILE A 31 10.35 21.90 -16.46
C ILE A 31 10.36 23.03 -17.51
N LYS A 32 10.15 22.71 -18.79
CA LYS A 32 10.10 23.74 -19.90
C LYS A 32 9.02 24.77 -19.54
N LYS A 33 7.86 24.34 -19.02
CA LYS A 33 6.72 25.24 -18.76
C LYS A 33 6.82 25.86 -17.37
N ARG A 34 7.89 25.60 -16.60
CA ARG A 34 8.11 26.13 -15.22
C ARG A 34 6.92 25.78 -14.33
N LEU A 35 6.43 24.54 -14.42
CA LEU A 35 5.40 24.03 -13.48
C LEU A 35 6.08 23.43 -12.27
N ARG A 36 5.75 23.91 -11.06
CA ARG A 36 6.21 23.24 -9.84
C ARG A 36 5.50 21.88 -9.81
N THR A 37 6.28 20.80 -9.83
CA THR A 37 5.76 19.44 -10.07
C THR A 37 6.11 18.54 -8.90
N VAL A 38 5.15 17.70 -8.51
CA VAL A 38 5.42 16.59 -7.58
C VAL A 38 5.17 15.29 -8.35
N ILE A 39 6.06 14.34 -8.12
CA ILE A 39 5.99 12.94 -8.59
C ILE A 39 5.87 12.09 -7.33
N LEU A 40 4.85 11.25 -7.28
CA LEU A 40 4.50 10.44 -6.11
C LEU A 40 4.73 8.98 -6.47
N ALA A 41 5.72 8.39 -5.83
CA ALA A 41 6.09 6.97 -5.96
C ALA A 41 5.41 6.19 -4.86
N PRO A 42 4.91 4.98 -5.10
CA PRO A 42 4.21 4.25 -4.05
C PRO A 42 5.15 3.75 -2.94
N THR A 43 6.41 3.49 -3.30
CA THR A 43 7.39 2.86 -2.40
C THR A 43 8.77 3.45 -2.62
N ARG A 44 9.64 3.32 -1.62
N ARG A 44 9.64 3.29 -1.63
CA ARG A 44 11.04 3.77 -1.68
CA ARG A 44 11.05 3.75 -1.65
C ARG A 44 11.74 3.01 -2.82
C ARG A 44 11.83 2.96 -2.70
N VAL A 45 11.38 1.73 -3.01
CA VAL A 45 11.96 0.90 -4.10
C VAL A 45 11.65 1.60 -5.42
N VAL A 46 10.40 1.98 -5.66
CA VAL A 46 10.04 2.64 -6.95
C VAL A 46 10.71 4.01 -7.04
N ALA A 47 10.80 4.77 -5.95
CA ALA A 47 11.47 6.09 -5.93
C ALA A 47 12.90 5.93 -6.49
N ALA A 48 13.66 4.96 -5.98
CA ALA A 48 15.03 4.67 -6.44
C ALA A 48 15.04 4.29 -7.93
N GLU A 49 14.09 3.51 -8.41
CA GLU A 49 14.01 3.15 -9.85
C GLU A 49 13.63 4.37 -10.69
N MET A 50 12.82 5.27 -10.14
CA MET A 50 12.49 6.52 -10.87
C MET A 50 13.74 7.37 -11.04
N GLU A 51 14.61 7.44 -10.02
CA GLU A 51 15.86 8.22 -10.14
C GLU A 51 16.64 7.74 -11.37
N GLU A 52 16.70 6.43 -11.59
CA GLU A 52 17.41 5.88 -12.77
C GLU A 52 16.73 6.35 -14.07
N ALA A 53 15.41 6.33 -14.13
CA ALA A 53 14.62 6.72 -15.32
C ALA A 53 14.73 8.21 -15.57
N LEU A 54 14.94 9.00 -14.51
CA LEU A 54 14.93 10.47 -14.64
C LEU A 54 16.37 11.01 -14.57
N ARG A 55 17.38 10.13 -14.54
CA ARG A 55 18.77 10.52 -14.22
C ARG A 55 19.19 11.70 -15.10
N GLY A 56 19.80 12.73 -14.51
CA GLY A 56 20.22 13.93 -15.25
C GLY A 56 19.18 15.05 -15.23
N LEU A 57 17.88 14.72 -15.16
CA LEU A 57 16.80 15.72 -15.00
C LEU A 57 16.85 16.29 -13.59
N PRO A 58 16.62 17.60 -13.44
CA PRO A 58 16.68 18.28 -12.16
C PRO A 58 15.44 17.99 -11.31
N VAL A 59 15.56 16.94 -10.51
CA VAL A 59 14.48 16.44 -9.63
C VAL A 59 15.03 16.39 -8.21
N ARG A 60 14.27 16.92 -7.25
CA ARG A 60 14.61 16.83 -5.80
C ARG A 60 13.94 15.57 -5.24
N TYR A 61 14.77 14.62 -4.84
CA TYR A 61 14.37 13.29 -4.31
C TYR A 61 14.17 13.42 -2.81
N MET A 62 12.91 13.51 -2.40
CA MET A 62 12.55 13.83 -1.01
C MET A 62 12.44 12.51 -0.25
N THR A 63 13.54 11.76 -0.25
CA THR A 63 13.64 10.41 0.35
C THR A 63 15.11 10.06 0.56
N THR A 64 15.51 9.49 1.70
CA THR A 64 16.87 8.95 1.94
C THR A 64 17.15 7.70 1.08
N ALA A 65 16.14 7.11 0.44
CA ALA A 65 16.27 5.93 -0.43
C ALA A 65 17.12 6.23 -1.68
N VAL A 66 17.29 7.50 -2.02
CA VAL A 66 18.04 8.00 -3.19
C VAL A 66 19.27 8.75 -2.67
N ASN A 67 20.46 8.26 -3.01
CA ASN A 67 21.74 8.91 -2.63
C ASN A 67 22.09 9.83 -3.80
N VAL A 68 21.71 11.12 -3.70
CA VAL A 68 22.05 12.19 -4.69
C VAL A 68 22.30 13.52 -3.95
N THR A 69 23.25 14.31 -4.45
CA THR A 69 23.46 15.72 -4.03
C THR A 69 22.59 16.61 -4.95
N HIS A 70 21.61 17.32 -4.39
CA HIS A 70 20.69 18.25 -5.11
C HIS A 70 21.38 19.60 -5.43
N SER A 71 20.95 20.27 -6.48
CA SER A 71 21.43 21.62 -6.89
C SER A 71 20.88 22.69 -5.95
N GLY A 72 19.67 22.48 -5.41
CA GLY A 72 18.91 23.50 -4.67
C GLY A 72 17.96 24.27 -5.58
N THR A 73 18.03 24.06 -6.89
CA THR A 73 17.24 24.80 -7.92
C THR A 73 16.07 23.98 -8.48
N GLU A 74 15.95 22.69 -8.17
CA GLU A 74 14.92 21.80 -8.76
C GLU A 74 13.52 22.39 -8.52
N ILE A 75 12.66 22.38 -9.53
CA ILE A 75 11.21 22.69 -9.32
C ILE A 75 10.36 21.42 -9.46
N VAL A 76 11.00 20.27 -9.56
CA VAL A 76 10.31 18.96 -9.58
C VAL A 76 10.70 18.20 -8.31
N ASP A 77 9.73 17.85 -7.47
CA ASP A 77 9.92 17.08 -6.23
C ASP A 77 9.48 15.65 -6.48
N LEU A 78 10.20 14.67 -5.96
CA LEU A 78 9.74 13.26 -5.93
C LEU A 78 9.63 12.84 -4.45
N MET A 79 8.49 12.28 -4.05
CA MET A 79 8.41 11.68 -2.72
C MET A 79 7.45 10.52 -2.78
N CYS A 80 7.35 9.76 -1.72
CA CYS A 80 6.37 8.65 -1.64
C CYS A 80 4.93 9.17 -1.49
N HIS A 81 3.94 8.40 -1.95
CA HIS A 81 2.52 8.74 -1.69
C HIS A 81 2.31 9.06 -0.21
N ALA A 82 2.78 8.20 0.69
CA ALA A 82 2.59 8.31 2.15
C ALA A 82 3.25 9.59 2.66
N THR A 83 4.42 9.92 2.12
CA THR A 83 5.16 11.14 2.52
C THR A 83 4.32 12.39 2.16
N PHE A 84 3.72 12.42 0.98
CA PHE A 84 2.84 13.52 0.54
C PHE A 84 1.71 13.74 1.55
N THR A 85 0.97 12.68 1.82
CA THR A 85 -0.15 12.75 2.75
C THR A 85 0.32 13.13 4.14
N SER A 86 1.46 12.61 4.57
CA SER A 86 2.04 12.87 5.90
C SER A 86 2.35 14.36 6.04
N ARG A 87 3.01 14.92 5.05
CA ARG A 87 3.44 16.35 5.08
C ARG A 87 2.20 17.24 5.01
N LEU A 88 1.16 16.84 4.28
CA LEU A 88 -0.11 17.61 4.26
C LEU A 88 -0.71 17.64 5.67
N LEU A 89 -0.65 16.53 6.39
CA LEU A 89 -1.27 16.42 7.74
C LEU A 89 -0.51 17.24 8.79
N GLN A 90 0.79 17.37 8.62
CA GLN A 90 1.70 18.00 9.59
C GLN A 90 1.79 19.51 9.37
N PRO A 91 2.24 20.25 10.41
CA PRO A 91 2.49 21.69 10.34
C PRO A 91 3.77 21.92 9.53
N ILE A 92 3.73 21.53 8.28
CA ILE A 92 4.85 21.68 7.31
C ILE A 92 4.25 22.20 6.02
N ARG A 93 4.94 23.19 5.44
CA ARG A 93 4.59 23.86 4.18
C ARG A 93 4.78 22.83 3.06
N VAL A 94 3.69 22.59 2.35
CA VAL A 94 3.68 21.74 1.13
C VAL A 94 3.35 22.71 0.00
N PRO A 95 4.20 22.81 -1.04
CA PRO A 95 3.94 23.72 -2.14
C PRO A 95 2.58 23.38 -2.77
N ASN A 96 1.91 24.38 -3.31
CA ASN A 96 0.64 24.14 -4.05
C ASN A 96 1.06 23.74 -5.47
N TYR A 97 1.49 22.47 -5.68
CA TYR A 97 2.09 21.98 -6.94
C TYR A 97 1.13 22.24 -8.09
N ASN A 98 1.65 22.81 -9.18
CA ASN A 98 0.92 23.08 -10.43
C ASN A 98 0.58 21.76 -11.15
N LEU A 99 1.48 20.77 -11.07
CA LEU A 99 1.34 19.46 -11.73
C LEU A 99 1.64 18.38 -10.70
N ASN A 100 0.69 17.47 -10.59
CA ASN A 100 0.69 16.39 -9.57
C ASN A 100 0.71 15.09 -10.36
N ILE A 101 1.82 14.38 -10.30
CA ILE A 101 1.92 13.08 -11.01
C ILE A 101 1.92 11.96 -9.97
N MET A 102 0.95 11.05 -10.05
CA MET A 102 0.94 9.88 -9.17
C MET A 102 1.27 8.64 -10.01
N ASP A 103 2.39 8.01 -9.70
CA ASP A 103 2.73 6.71 -10.33
C ASP A 103 2.08 5.61 -9.47
N GLU A 104 1.75 4.50 -10.14
CA GLU A 104 1.08 3.33 -9.53
C GLU A 104 -0.14 3.87 -8.77
N ALA A 105 -0.98 4.64 -9.47
CA ALA A 105 -2.08 5.41 -8.89
C ALA A 105 -3.25 4.50 -8.50
N HIS A 106 -3.11 3.18 -8.66
CA HIS A 106 -4.12 2.18 -8.23
C HIS A 106 -3.92 1.86 -6.75
N PHE A 107 -2.84 2.30 -6.13
CA PHE A 107 -2.47 1.86 -4.75
C PHE A 107 -3.63 2.18 -3.83
N THR A 108 -4.08 1.20 -3.03
CA THR A 108 -5.29 1.34 -2.20
C THR A 108 -4.92 1.52 -0.70
N ASP A 109 -3.66 1.78 -0.37
CA ASP A 109 -3.34 2.14 1.02
C ASP A 109 -4.01 3.48 1.31
N PRO A 110 -4.45 3.72 2.57
CA PRO A 110 -5.20 4.90 2.93
C PRO A 110 -4.52 6.21 2.53
N SER A 111 -3.20 6.31 2.69
CA SER A 111 -2.48 7.56 2.35
C SER A 111 -2.50 7.80 0.84
N SER A 112 -2.56 6.76 0.01
CA SER A 112 -2.62 6.91 -1.46
C SER A 112 -4.03 7.36 -1.85
N ILE A 113 -5.05 6.74 -1.28
CA ILE A 113 -6.45 7.16 -1.60
C ILE A 113 -6.56 8.63 -1.20
N ALA A 114 -6.10 9.01 0.01
CA ALA A 114 -6.19 10.39 0.51
C ALA A 114 -5.46 11.33 -0.45
N ALA A 115 -4.24 10.97 -0.87
CA ALA A 115 -3.49 11.78 -1.84
C ALA A 115 -4.33 11.98 -3.12
N ARG A 116 -4.95 10.92 -3.66
CA ARG A 116 -5.76 11.10 -4.88
C ARG A 116 -6.91 12.05 -4.60
N GLY A 117 -7.54 11.97 -3.44
CA GLY A 117 -8.72 12.81 -3.17
C GLY A 117 -8.34 14.27 -3.05
N TYR A 118 -7.21 14.55 -2.40
CA TYR A 118 -6.65 15.90 -2.26
C TYR A 118 -6.31 16.44 -3.65
N ILE A 119 -5.55 15.69 -4.43
CA ILE A 119 -5.07 16.17 -5.75
C ILE A 119 -6.30 16.41 -6.63
N SER A 120 -7.19 15.43 -6.76
CA SER A 120 -8.34 15.49 -7.69
C SER A 120 -9.24 16.66 -7.26
N THR A 121 -9.31 16.96 -5.97
CA THR A 121 -10.11 18.12 -5.50
C THR A 121 -9.44 19.43 -5.93
N ARG A 122 -8.11 19.53 -5.81
CA ARG A 122 -7.36 20.74 -6.27
C ARG A 122 -7.63 20.92 -7.77
N VAL A 123 -7.64 19.83 -8.53
CA VAL A 123 -7.88 19.91 -9.99
C VAL A 123 -9.31 20.38 -10.26
N GLU A 124 -10.30 19.80 -9.58
CA GLU A 124 -11.72 20.23 -9.71
C GLU A 124 -11.89 21.70 -9.33
N MET A 125 -11.15 22.22 -8.34
CA MET A 125 -11.20 23.64 -7.97
C MET A 125 -10.59 24.53 -9.05
N GLY A 126 -9.89 23.99 -10.05
CA GLY A 126 -9.28 24.77 -11.13
C GLY A 126 -7.87 25.21 -10.80
N GLU A 127 -7.27 24.63 -9.76
CA GLU A 127 -6.04 25.12 -9.10
C GLU A 127 -4.80 24.44 -9.68
N ALA A 128 -4.93 23.27 -10.32
CA ALA A 128 -3.80 22.38 -10.62
C ALA A 128 -4.17 21.42 -11.74
N ALA A 129 -3.17 20.75 -12.26
CA ALA A 129 -3.30 19.62 -13.18
C ALA A 129 -2.86 18.36 -12.45
N ALA A 130 -3.25 17.20 -12.94
CA ALA A 130 -2.78 15.95 -12.37
C ALA A 130 -2.72 14.90 -13.43
N ILE A 131 -1.80 13.98 -13.26
CA ILE A 131 -1.71 12.78 -14.12
C ILE A 131 -1.62 11.59 -13.17
N PHE A 132 -2.55 10.66 -13.32
CA PHE A 132 -2.60 9.39 -12.55
C PHE A 132 -2.14 8.28 -13.48
N MET A 133 -1.00 7.67 -13.17
CA MET A 133 -0.37 6.66 -14.04
C MET A 133 -0.68 5.27 -13.48
N THR A 134 -1.49 4.48 -14.18
CA THR A 134 -1.82 3.10 -13.78
C THR A 134 -2.52 2.38 -14.94
N ALA A 135 -2.15 1.11 -15.13
CA ALA A 135 -2.85 0.19 -16.06
C ALA A 135 -4.27 -0.08 -15.58
N THR A 136 -4.57 0.14 -14.29
CA THR A 136 -5.79 -0.38 -13.65
C THR A 136 -6.41 0.73 -12.81
N PRO A 137 -7.02 1.72 -13.47
CA PRO A 137 -7.68 2.79 -12.74
C PRO A 137 -8.84 2.25 -11.90
N PRO A 138 -9.29 2.99 -10.87
CA PRO A 138 -10.43 2.57 -10.05
C PRO A 138 -11.64 2.09 -10.88
N GLY A 139 -12.21 0.95 -10.50
CA GLY A 139 -13.41 0.40 -11.14
C GLY A 139 -13.11 -0.38 -12.41
N THR A 140 -11.85 -0.52 -12.82
CA THR A 140 -11.52 -1.38 -13.98
C THR A 140 -12.11 -2.77 -13.73
N ARG A 141 -12.61 -3.40 -14.79
CA ARG A 141 -13.30 -4.70 -14.75
C ARG A 141 -12.53 -5.74 -15.55
N ASP A 142 -11.32 -5.41 -16.00
CA ASP A 142 -10.54 -6.28 -16.92
C ASP A 142 -9.35 -6.82 -16.13
N ALA A 143 -9.38 -8.10 -15.75
CA ALA A 143 -8.27 -8.74 -15.02
C ALA A 143 -7.19 -9.21 -16.00
N PHE A 144 -7.43 -9.17 -17.29
CA PHE A 144 -6.51 -9.74 -18.31
C PHE A 144 -6.15 -8.70 -19.36
N PRO A 145 -5.58 -7.55 -18.95
CA PRO A 145 -5.15 -6.54 -19.92
C PRO A 145 -4.02 -7.03 -20.85
N ASP A 146 -3.73 -6.21 -21.86
CA ASP A 146 -2.64 -6.49 -22.81
C ASP A 146 -1.30 -6.55 -22.05
N SER A 147 -0.32 -7.17 -22.68
CA SER A 147 1.04 -7.34 -22.11
C SER A 147 2.04 -7.16 -23.25
N ASN A 148 3.29 -7.07 -22.91
CA ASN A 148 4.41 -6.92 -23.88
C ASN A 148 4.57 -8.21 -24.69
N SER A 149 4.34 -9.37 -24.09
CA SER A 149 4.32 -10.68 -24.78
C SER A 149 3.18 -11.54 -24.28
N PRO A 150 2.71 -12.48 -25.13
CA PRO A 150 1.61 -13.35 -24.75
C PRO A 150 1.84 -14.06 -23.41
N ILE A 151 0.75 -14.10 -22.63
CA ILE A 151 0.66 -14.82 -21.32
C ILE A 151 -0.25 -16.03 -21.48
N MET A 152 0.14 -17.14 -20.87
CA MET A 152 -0.67 -18.37 -20.77
C MET A 152 -1.47 -18.23 -19.48
N ASP A 153 -2.77 -17.96 -19.57
CA ASP A 153 -3.68 -17.77 -18.41
C ASP A 153 -4.28 -19.15 -18.10
N THR A 154 -4.13 -19.67 -16.89
CA THR A 154 -4.74 -20.96 -16.56
C THR A 154 -5.45 -20.82 -15.23
N GLU A 155 -6.75 -21.14 -15.20
CA GLU A 155 -7.49 -21.25 -13.94
C GLU A 155 -7.12 -22.59 -13.32
N VAL A 156 -6.62 -22.61 -12.09
CA VAL A 156 -6.16 -23.86 -11.46
C VAL A 156 -6.30 -23.72 -9.94
N GLU A 157 -6.52 -24.82 -9.23
CA GLU A 157 -6.57 -24.78 -7.77
C GLU A 157 -5.15 -24.51 -7.26
N VAL A 158 -5.01 -23.50 -6.44
CA VAL A 158 -3.68 -23.05 -5.94
C VAL A 158 -3.67 -23.37 -4.46
N PRO A 159 -2.61 -24.04 -3.93
CA PRO A 159 -2.56 -24.28 -2.50
C PRO A 159 -2.49 -22.98 -1.69
N GLU A 160 -3.12 -22.96 -0.50
CA GLU A 160 -3.06 -21.88 0.50
C GLU A 160 -2.53 -22.43 1.83
N ARG A 161 -2.12 -23.70 1.82
CA ARG A 161 -1.55 -24.44 2.96
C ARG A 161 -0.42 -25.32 2.44
N ALA A 162 0.41 -25.82 3.34
CA ALA A 162 1.40 -26.86 3.06
C ALA A 162 0.67 -27.99 2.35
N TRP A 163 1.31 -28.60 1.34
CA TRP A 163 0.74 -29.77 0.61
C TRP A 163 1.78 -30.89 0.52
N SER A 164 1.32 -32.13 0.37
CA SER A 164 2.16 -33.35 0.21
C SER A 164 2.02 -33.94 -1.20
N SER A 165 0.93 -33.63 -1.88
CA SER A 165 0.57 -34.23 -3.18
C SER A 165 -0.52 -33.38 -3.84
N GLY A 166 -0.70 -33.56 -5.14
CA GLY A 166 -1.83 -33.01 -5.90
C GLY A 166 -1.53 -31.68 -6.57
N PHE A 167 -0.34 -31.12 -6.34
CA PHE A 167 0.11 -29.83 -6.93
C PHE A 167 1.50 -29.97 -7.56
N ASP A 168 1.77 -31.07 -8.26
CA ASP A 168 3.14 -31.32 -8.81
C ASP A 168 3.56 -30.13 -9.70
N TRP A 169 2.62 -29.51 -10.41
CA TRP A 169 2.88 -28.41 -11.37
C TRP A 169 3.58 -27.25 -10.67
N VAL A 170 3.36 -27.10 -9.37
CA VAL A 170 3.98 -25.98 -8.63
C VAL A 170 5.50 -26.18 -8.57
N THR A 171 5.95 -27.36 -8.12
CA THR A 171 7.38 -27.62 -7.88
C THR A 171 8.07 -28.16 -9.12
N ASP A 172 7.32 -28.67 -10.11
CA ASP A 172 7.95 -29.25 -11.33
C ASP A 172 8.57 -28.17 -12.22
N HIS A 173 8.15 -26.93 -12.10
CA HIS A 173 8.62 -25.75 -12.84
C HIS A 173 10.12 -25.47 -12.63
N SER A 174 10.85 -25.12 -13.68
CA SER A 174 12.33 -24.92 -13.59
C SER A 174 12.67 -23.43 -13.60
N GLY A 175 11.69 -22.54 -13.77
CA GLY A 175 11.96 -21.10 -13.83
C GLY A 175 11.75 -20.41 -12.49
N LYS A 176 11.40 -19.14 -12.55
CA LYS A 176 11.19 -18.28 -11.36
C LYS A 176 9.71 -17.91 -11.25
N THR A 177 9.19 -18.02 -10.03
CA THR A 177 7.75 -17.84 -9.73
C THR A 177 7.57 -16.72 -8.72
N VAL A 178 6.66 -15.82 -9.05
CA VAL A 178 6.11 -14.85 -8.09
C VAL A 178 4.74 -15.35 -7.64
N TRP A 179 4.59 -15.56 -6.34
CA TRP A 179 3.36 -16.19 -5.76
C TRP A 179 2.70 -15.20 -4.80
N PHE A 180 1.54 -14.70 -5.19
CA PHE A 180 0.71 -13.78 -4.38
C PHE A 180 -0.18 -14.57 -3.44
N VAL A 181 0.06 -14.34 -2.17
CA VAL A 181 -0.69 -14.93 -1.02
C VAL A 181 -1.54 -13.86 -0.33
N PRO A 182 -2.59 -14.26 0.41
CA PRO A 182 -3.47 -13.29 1.06
C PRO A 182 -2.94 -12.65 2.34
N SER A 183 -1.90 -13.23 2.94
CA SER A 183 -1.41 -12.73 4.24
C SER A 183 0.02 -13.19 4.46
N VAL A 184 0.71 -12.51 5.37
CA VAL A 184 2.08 -12.90 5.76
C VAL A 184 2.06 -14.33 6.31
N ARG A 185 1.12 -14.64 7.19
CA ARG A 185 1.03 -15.96 7.84
C ARG A 185 0.85 -17.06 6.80
N ASN A 186 -0.03 -16.85 5.82
N ASN A 186 -0.02 -16.81 5.83
CA ASN A 186 -0.26 -17.86 4.75
CA ASN A 186 -0.28 -17.74 4.72
C ASN A 186 1.04 -18.01 3.92
C ASN A 186 1.02 -17.99 3.95
N GLY A 187 1.73 -16.92 3.61
CA GLY A 187 3.00 -17.00 2.86
C GLY A 187 4.05 -17.77 3.66
N ASN A 188 4.04 -17.63 4.98
CA ASN A 188 5.05 -18.30 5.84
C ASN A 188 4.86 -19.82 5.68
N GLU A 189 3.62 -20.28 5.67
CA GLU A 189 3.34 -21.72 5.60
C GLU A 189 3.74 -22.23 4.21
N ILE A 190 3.34 -21.54 3.13
CA ILE A 190 3.69 -21.97 1.77
C ILE A 190 5.21 -21.93 1.60
N ALA A 191 5.84 -20.88 2.10
CA ALA A 191 7.31 -20.71 1.99
C ALA A 191 8.04 -21.90 2.64
N ALA A 192 7.64 -22.30 3.83
CA ALA A 192 8.22 -23.43 4.59
C ALA A 192 8.05 -24.74 3.78
N CYS A 193 6.90 -24.92 3.15
CA CYS A 193 6.62 -26.11 2.35
C CYS A 193 7.57 -26.15 1.15
N LEU A 194 7.73 -25.02 0.44
CA LEU A 194 8.59 -24.92 -0.74
C LEU A 194 10.05 -25.14 -0.30
N THR A 195 10.46 -24.53 0.81
CA THR A 195 11.85 -24.66 1.34
C THR A 195 12.12 -26.13 1.65
N LYS A 196 11.18 -26.81 2.28
CA LYS A 196 11.30 -28.25 2.57
C LYS A 196 11.42 -29.04 1.27
N ALA A 197 10.81 -28.61 0.14
CA ALA A 197 10.92 -29.30 -1.17
C ALA A 197 12.20 -28.91 -1.92
N GLY A 198 13.09 -28.12 -1.31
CA GLY A 198 14.40 -27.77 -1.90
C GLY A 198 14.40 -26.46 -2.65
N LYS A 199 13.33 -25.67 -2.54
CA LYS A 199 13.23 -24.38 -3.25
C LYS A 199 13.86 -23.27 -2.42
N ARG A 200 14.42 -22.30 -3.14
CA ARG A 200 14.92 -21.04 -2.54
C ARG A 200 13.82 -20.01 -2.60
N VAL A 201 13.37 -19.57 -1.44
CA VAL A 201 12.19 -18.70 -1.30
C VAL A 201 12.59 -17.38 -0.65
N ILE A 202 12.11 -16.28 -1.21
CA ILE A 202 12.15 -14.92 -0.61
C ILE A 202 10.70 -14.55 -0.31
N GLN A 203 10.44 -14.02 0.88
CA GLN A 203 9.11 -13.51 1.31
C GLN A 203 9.15 -11.98 1.32
N LEU A 204 8.16 -11.37 0.69
CA LEU A 204 7.94 -9.90 0.73
C LEU A 204 6.62 -9.55 1.41
N SER A 205 6.62 -8.51 2.22
CA SER A 205 5.38 -7.88 2.76
C SER A 205 5.68 -6.41 2.97
N ARG A 206 4.68 -5.60 3.36
CA ARG A 206 4.87 -4.14 3.48
C ARG A 206 6.08 -3.82 4.34
N LYS A 207 6.17 -4.41 5.54
CA LYS A 207 7.18 -4.07 6.57
C LYS A 207 8.59 -4.48 6.11
N THR A 208 8.72 -5.54 5.33
CA THR A 208 10.04 -6.11 4.97
C THR A 208 10.45 -5.68 3.55
N PHE A 209 9.56 -5.03 2.79
CA PHE A 209 9.70 -4.89 1.33
C PHE A 209 11.06 -4.29 0.93
N GLU A 210 11.52 -3.16 1.47
CA GLU A 210 12.77 -2.56 0.90
C GLU A 210 13.94 -3.54 1.06
N THR A 211 14.18 -4.03 2.27
CA THR A 211 15.29 -4.97 2.55
C THR A 211 15.18 -6.24 1.71
N GLU A 212 14.03 -6.91 1.77
CA GLU A 212 13.90 -8.25 1.18
C GLU A 212 13.87 -8.12 -0.35
N PHE A 213 13.30 -7.04 -0.90
CA PHE A 213 13.19 -6.92 -2.39
C PHE A 213 14.61 -6.94 -2.97
N GLN A 214 15.58 -6.35 -2.29
CA GLN A 214 16.99 -6.36 -2.77
C GLN A 214 17.50 -7.79 -2.97
N LYS A 215 17.05 -8.76 -2.17
CA LYS A 215 17.45 -10.18 -2.31
C LYS A 215 17.03 -10.72 -3.67
N THR A 216 15.98 -10.17 -4.30
CA THR A 216 15.54 -10.69 -5.61
C THR A 216 16.57 -10.34 -6.67
N LYS A 217 17.40 -9.32 -6.41
CA LYS A 217 18.50 -8.95 -7.33
C LYS A 217 19.82 -9.63 -6.97
N ASN A 218 20.12 -9.78 -5.67
CA ASN A 218 21.46 -10.13 -5.11
C ASN A 218 21.60 -11.65 -4.98
N GLN A 219 20.51 -12.44 -4.99
CA GLN A 219 20.67 -13.90 -4.84
C GLN A 219 19.80 -14.64 -5.85
N GLU A 220 20.17 -15.89 -6.14
CA GLU A 220 19.36 -16.76 -7.00
C GLU A 220 18.18 -17.25 -6.15
N TRP A 221 17.01 -17.29 -6.75
CA TRP A 221 15.78 -17.68 -6.04
C TRP A 221 14.92 -18.44 -7.03
N ASP A 222 14.03 -19.26 -6.49
CA ASP A 222 13.04 -20.07 -7.25
C ASP A 222 11.64 -19.44 -7.07
N PHE A 223 11.32 -18.96 -5.88
CA PHE A 223 9.98 -18.38 -5.60
C PHE A 223 10.15 -17.07 -4.82
N VAL A 224 9.36 -16.08 -5.18
CA VAL A 224 9.04 -14.93 -4.32
C VAL A 224 7.62 -15.13 -3.81
N ILE A 225 7.46 -15.23 -2.51
CA ILE A 225 6.15 -15.29 -1.82
C ILE A 225 5.84 -13.86 -1.37
N THR A 226 4.79 -13.28 -1.89
CA THR A 226 4.49 -11.87 -1.62
C THR A 226 3.00 -11.67 -1.33
N THR A 227 2.73 -10.70 -0.47
CA THR A 227 1.40 -10.10 -0.29
C THR A 227 1.16 -9.12 -1.43
N ASP A 228 0.00 -8.51 -1.41
CA ASP A 228 -0.44 -7.53 -2.44
C ASP A 228 0.49 -6.32 -2.60
N ILE A 229 1.44 -6.08 -1.69
CA ILE A 229 2.41 -4.95 -1.89
C ILE A 229 3.12 -5.05 -3.25
N SER A 230 3.34 -6.27 -3.77
CA SER A 230 4.10 -6.40 -5.05
C SER A 230 3.23 -6.03 -6.26
N GLU A 231 1.97 -5.64 -6.04
CA GLU A 231 1.11 -5.01 -7.08
C GLU A 231 1.57 -3.60 -7.44
N MET A 232 2.47 -2.97 -6.69
CA MET A 232 2.72 -1.51 -6.85
C MET A 232 4.10 -1.30 -7.53
N GLY A 233 4.24 -1.79 -8.75
CA GLY A 233 5.40 -1.49 -9.59
C GLY A 233 6.64 -2.30 -9.24
N ALA A 234 6.53 -3.33 -8.41
CA ALA A 234 7.63 -4.26 -8.05
C ALA A 234 7.95 -5.05 -9.30
N ASN A 235 9.18 -5.02 -9.82
CA ASN A 235 9.50 -5.83 -11.03
C ASN A 235 10.50 -6.96 -10.72
N PHE A 236 10.22 -8.08 -11.35
CA PHE A 236 10.90 -9.36 -11.11
C PHE A 236 11.32 -9.88 -12.48
N LYS A 237 12.42 -10.61 -12.54
CA LYS A 237 12.79 -11.35 -13.77
C LYS A 237 12.21 -12.73 -13.57
N ALA A 238 10.90 -12.88 -13.81
CA ALA A 238 10.20 -14.15 -13.51
C ALA A 238 9.53 -14.66 -14.77
N ASP A 239 9.20 -15.94 -14.81
CA ASP A 239 8.43 -16.44 -15.98
C ASP A 239 7.07 -16.99 -15.53
N ARG A 240 6.74 -16.94 -14.25
CA ARG A 240 5.43 -17.43 -13.82
C ARG A 240 4.94 -16.61 -12.64
N VAL A 241 3.66 -16.30 -12.64
CA VAL A 241 2.92 -15.85 -11.44
C VAL A 241 1.95 -16.92 -11.02
N ILE A 242 1.95 -17.26 -9.73
CA ILE A 242 0.89 -18.08 -9.12
C ILE A 242 0.08 -17.10 -8.30
N ASP A 243 -1.22 -17.01 -8.54
CA ASP A 243 -2.04 -16.01 -7.87
C ASP A 243 -3.17 -16.71 -7.15
N SER A 244 -3.14 -16.73 -5.82
CA SER A 244 -4.28 -17.18 -4.99
C SER A 244 -5.59 -16.48 -5.41
N ARG A 245 -5.50 -15.25 -5.90
CA ARG A 245 -6.63 -14.34 -6.19
C ARG A 245 -7.36 -14.03 -4.89
N ARG A 246 -6.64 -14.08 -3.76
CA ARG A 246 -7.26 -13.83 -2.44
C ARG A 246 -6.46 -12.75 -1.69
N CYS A 247 -7.17 -12.06 -0.82
CA CYS A 247 -6.62 -10.96 0.01
C CYS A 247 -7.39 -10.93 1.31
N LEU A 248 -6.86 -10.22 2.29
CA LEU A 248 -7.60 -9.89 3.53
C LEU A 248 -8.22 -8.52 3.37
N LYS A 249 -9.41 -8.37 3.91
CA LYS A 249 -10.15 -7.09 3.85
C LYS A 249 -10.33 -6.62 5.27
N PRO A 250 -9.72 -5.49 5.67
CA PRO A 250 -10.06 -4.91 6.96
C PRO A 250 -11.48 -4.33 6.87
N VAL A 251 -12.29 -4.65 7.86
CA VAL A 251 -13.71 -4.28 7.93
C VAL A 251 -13.99 -3.73 9.32
N ILE A 252 -14.58 -2.54 9.36
CA ILE A 252 -15.01 -1.91 10.63
C ILE A 252 -16.37 -2.52 10.96
N LEU A 253 -16.50 -3.18 12.11
CA LEU A 253 -17.79 -3.77 12.59
C LEU A 253 -18.41 -2.86 13.62
N ASP A 254 -19.63 -2.37 13.37
CA ASP A 254 -20.43 -1.57 14.35
C ASP A 254 -19.68 -0.30 14.78
N GLY A 255 -18.84 0.30 13.93
CA GLY A 255 -18.07 1.50 14.33
C GLY A 255 -17.11 1.26 15.49
N GLU A 256 -16.92 0.01 15.93
CA GLU A 256 -16.33 -0.36 17.27
C GLU A 256 -14.99 -1.12 17.17
N ARG A 257 -14.76 -1.88 16.10
CA ARG A 257 -13.59 -2.78 16.03
C ARG A 257 -13.27 -3.01 14.56
N VAL A 258 -12.05 -3.40 14.30
CA VAL A 258 -11.62 -3.77 12.92
C VAL A 258 -11.22 -5.24 12.94
N ILE A 259 -11.79 -6.00 12.00
CA ILE A 259 -11.41 -7.41 11.79
C ILE A 259 -10.74 -7.50 10.42
N LEU A 260 -9.95 -8.54 10.25
CA LEU A 260 -9.38 -8.88 8.93
C LEU A 260 -10.21 -10.01 8.35
N ALA A 261 -11.18 -9.65 7.52
CA ALA A 261 -12.17 -10.56 6.94
C ALA A 261 -11.51 -11.30 5.79
N GLY A 262 -11.97 -12.51 5.55
CA GLY A 262 -11.54 -13.30 4.40
C GLY A 262 -10.62 -14.42 4.86
N PRO A 263 -9.68 -14.89 4.04
CA PRO A 263 -9.41 -14.31 2.72
C PRO A 263 -10.58 -14.36 1.76
N MET A 264 -10.58 -13.41 0.85
CA MET A 264 -11.67 -13.27 -0.11
C MET A 264 -11.09 -12.79 -1.43
N PRO A 265 -11.90 -12.77 -2.50
CA PRO A 265 -11.38 -12.47 -3.83
C PRO A 265 -10.78 -11.06 -3.89
N VAL A 266 -9.75 -10.95 -4.72
CA VAL A 266 -9.16 -9.64 -5.05
C VAL A 266 -10.08 -8.88 -6.02
N THR A 267 -9.83 -7.58 -6.16
CA THR A 267 -10.43 -6.82 -7.28
C THR A 267 -9.85 -7.24 -8.64
N HIS A 268 -10.53 -6.81 -9.70
CA HIS A 268 -10.01 -6.97 -11.07
C HIS A 268 -8.69 -6.20 -11.21
N ALA A 269 -8.59 -5.00 -10.65
CA ALA A 269 -7.35 -4.21 -10.72
C ALA A 269 -6.20 -5.00 -10.10
N SER A 270 -6.40 -5.55 -8.90
CA SER A 270 -5.35 -6.30 -8.18
C SER A 270 -4.95 -7.51 -9.02
N ALA A 271 -5.91 -8.26 -9.55
CA ALA A 271 -5.63 -9.47 -10.35
C ALA A 271 -4.82 -9.07 -11.58
N ALA A 272 -5.20 -7.98 -12.26
CA ALA A 272 -4.47 -7.49 -13.45
C ALA A 272 -3.05 -7.07 -13.07
N GLN A 273 -2.85 -6.43 -11.91
CA GLN A 273 -1.49 -6.03 -11.46
C GLN A 273 -0.64 -7.26 -11.10
N ARG A 274 -1.25 -8.26 -10.49
CA ARG A 274 -0.53 -9.50 -10.09
C ARG A 274 -0.05 -10.23 -11.35
N ARG A 275 -0.98 -10.46 -12.27
CA ARG A 275 -0.68 -11.04 -13.59
C ARG A 275 0.40 -10.20 -14.30
N GLY A 276 0.27 -8.89 -14.21
CA GLY A 276 1.09 -7.92 -14.92
C GLY A 276 2.54 -7.99 -14.50
N ARG A 277 2.87 -8.76 -13.45
CA ARG A 277 4.27 -8.97 -13.05
C ARG A 277 5.00 -9.72 -14.17
N ILE A 278 4.27 -10.50 -15.00
CA ILE A 278 4.94 -11.33 -16.06
C ILE A 278 4.35 -10.95 -17.41
N GLY A 279 4.87 -11.53 -18.50
CA GLY A 279 4.52 -11.10 -19.86
C GLY A 279 5.16 -9.75 -20.21
N ARG A 280 6.20 -9.34 -19.50
CA ARG A 280 6.72 -7.94 -19.61
C ARG A 280 7.84 -7.88 -20.64
N ASN A 281 8.40 -9.02 -21.03
CA ASN A 281 9.55 -9.06 -21.97
C ASN A 281 9.06 -9.48 -23.36
N PRO A 282 9.08 -8.59 -24.37
CA PRO A 282 8.50 -8.89 -25.67
C PRO A 282 9.24 -10.05 -26.36
N ASN A 283 10.45 -10.35 -25.89
CA ASN A 283 11.34 -11.44 -26.38
C ASN A 283 11.13 -12.76 -25.63
N LYS A 284 10.24 -12.81 -24.63
CA LYS A 284 10.01 -14.03 -23.83
C LYS A 284 8.52 -14.28 -23.75
N PRO A 285 7.86 -14.75 -24.84
CA PRO A 285 6.47 -15.17 -24.77
C PRO A 285 6.32 -16.46 -23.97
N GLY A 286 5.11 -16.69 -23.49
CA GLY A 286 4.71 -17.91 -22.81
C GLY A 286 4.99 -17.86 -21.32
N ASP A 287 5.20 -16.67 -20.77
CA ASP A 287 5.10 -16.53 -19.30
C ASP A 287 3.71 -17.02 -18.88
N GLU A 288 3.63 -17.59 -17.67
CA GLU A 288 2.45 -18.31 -17.18
C GLU A 288 1.79 -17.51 -16.05
N TYR A 289 0.47 -17.45 -16.06
CA TYR A 289 -0.35 -16.88 -14.97
C TYR A 289 -1.32 -17.96 -14.53
N MET A 290 -1.07 -18.50 -13.34
CA MET A 290 -1.92 -19.55 -12.75
C MET A 290 -2.79 -18.89 -11.70
N TYR A 291 -4.11 -18.92 -11.84
CA TYR A 291 -4.98 -18.19 -10.88
C TYR A 291 -6.00 -19.10 -10.25
N GLY A 292 -6.20 -18.93 -8.93
CA GLY A 292 -6.90 -19.90 -8.07
C GLY A 292 -8.28 -19.45 -7.63
N GLY A 293 -8.86 -18.46 -8.28
CA GLY A 293 -10.21 -17.97 -7.93
C GLY A 293 -10.62 -16.80 -8.80
N GLY A 294 -11.85 -16.37 -8.63
CA GLY A 294 -12.41 -15.24 -9.37
C GLY A 294 -12.05 -13.92 -8.72
N CYS A 295 -12.50 -12.83 -9.34
CA CYS A 295 -12.37 -11.46 -8.78
C CYS A 295 -13.73 -11.03 -8.29
N ALA A 296 -13.74 -10.05 -7.38
CA ALA A 296 -14.95 -9.40 -6.84
C ALA A 296 -14.57 -7.98 -6.41
N GLU A 297 -15.51 -7.05 -6.31
N GLU A 297 -15.60 -7.16 -6.20
CA GLU A 297 -15.15 -5.67 -5.91
CA GLU A 297 -15.53 -5.74 -5.73
C GLU A 297 -15.18 -5.61 -4.36
C GLU A 297 -15.29 -5.72 -4.22
N THR A 298 -14.14 -6.23 -3.77
CA THR A 298 -13.89 -6.34 -2.31
C THR A 298 -13.36 -5.01 -1.74
N ASP A 299 -13.18 -3.99 -2.57
CA ASP A 299 -12.83 -2.64 -2.07
C ASP A 299 -14.08 -1.98 -1.47
N GLU A 300 -15.27 -2.46 -1.81
CA GLU A 300 -16.53 -1.84 -1.31
C GLU A 300 -16.60 -2.16 0.17
N GLY A 301 -16.68 -1.14 1.02
CA GLY A 301 -16.74 -1.31 2.49
C GLY A 301 -15.41 -1.66 3.10
N HIS A 302 -14.31 -1.57 2.34
CA HIS A 302 -12.96 -1.89 2.84
C HIS A 302 -12.52 -0.71 3.73
N ALA A 303 -11.99 -0.96 4.91
CA ALA A 303 -11.64 0.10 5.89
C ALA A 303 -10.71 1.15 5.27
N HIS A 304 -9.88 0.84 4.27
CA HIS A 304 -8.92 1.82 3.73
C HIS A 304 -9.64 3.08 3.22
N TRP A 305 -10.85 2.96 2.66
CA TRP A 305 -11.57 4.11 2.12
C TRP A 305 -12.11 5.00 3.27
N LEU A 306 -12.53 4.40 4.37
CA LEU A 306 -12.98 5.16 5.55
C LEU A 306 -11.74 5.82 6.15
N GLU A 307 -10.65 5.05 6.31
CA GLU A 307 -9.37 5.62 6.82
C GLU A 307 -8.94 6.81 5.95
N ALA A 308 -9.03 6.70 4.61
CA ALA A 308 -8.72 7.82 3.70
C ALA A 308 -9.57 9.05 4.03
N ARG A 309 -10.85 8.88 4.35
CA ARG A 309 -11.72 10.02 4.78
C ARG A 309 -11.24 10.60 6.11
N MET A 310 -10.73 9.75 7.02
CA MET A 310 -10.22 10.27 8.30
C MET A 310 -9.00 11.14 8.00
N LEU A 311 -8.16 10.76 7.03
CA LEU A 311 -6.94 11.55 6.72
C LEU A 311 -7.40 12.86 6.07
N LEU A 312 -8.31 12.78 5.10
CA LEU A 312 -8.71 13.98 4.31
C LEU A 312 -9.44 15.00 5.17
N ASP A 313 -10.22 14.53 6.14
CA ASP A 313 -10.95 15.42 7.07
C ASP A 313 -9.99 16.29 7.86
N ASN A 314 -8.74 15.84 8.03
CA ASN A 314 -7.73 16.50 8.88
C ASN A 314 -6.62 17.14 8.03
N ILE A 315 -6.87 17.39 6.74
CA ILE A 315 -5.92 18.10 5.85
C ILE A 315 -6.55 19.44 5.49
N TYR A 316 -5.87 20.53 5.78
CA TYR A 316 -6.36 21.88 5.35
C TYR A 316 -6.38 21.96 3.83
N LEU A 317 -7.49 22.44 3.28
CA LEU A 317 -7.61 22.71 1.82
C LEU A 317 -7.82 24.21 1.59
N GLN A 318 -8.93 24.73 2.12
CA GLN A 318 -9.32 26.15 2.01
C GLN A 318 -10.44 26.42 3.02
N ASP A 319 -10.22 27.33 3.96
CA ASP A 319 -11.14 27.64 5.07
C ASP A 319 -11.64 26.33 5.69
N GLY A 320 -12.95 26.07 5.65
CA GLY A 320 -13.51 24.86 6.25
C GLY A 320 -13.81 23.80 5.21
N LEU A 321 -13.45 24.03 3.95
CA LEU A 321 -13.68 23.04 2.88
C LEU A 321 -12.85 21.79 3.13
N ILE A 322 -13.35 20.66 2.67
CA ILE A 322 -12.63 19.37 2.86
C ILE A 322 -12.58 18.64 1.52
N ALA A 323 -11.43 18.08 1.22
CA ALA A 323 -11.20 17.34 -0.05
C ALA A 323 -12.11 16.11 -0.08
N SER A 324 -12.72 15.88 -1.23
CA SER A 324 -13.54 14.71 -1.53
C SER A 324 -12.60 13.58 -2.01
N LEU A 325 -12.98 12.32 -1.84
CA LEU A 325 -12.31 11.21 -2.54
C LEU A 325 -12.43 11.42 -4.06
N TYR A 326 -11.44 10.91 -4.76
CA TYR A 326 -11.39 10.87 -6.23
C TYR A 326 -12.70 10.20 -6.67
N ARG A 327 -13.44 10.82 -7.59
CA ARG A 327 -14.85 10.44 -7.85
C ARG A 327 -14.96 8.93 -8.11
N PRO A 328 -14.15 8.28 -8.97
CA PRO A 328 -14.36 6.85 -9.23
C PRO A 328 -14.25 5.89 -8.03
N GLU A 329 -13.69 6.34 -6.92
CA GLU A 329 -13.55 5.44 -5.75
C GLU A 329 -14.36 6.01 -4.58
N ALA A 330 -15.15 7.05 -4.80
CA ALA A 330 -15.82 7.77 -3.69
C ALA A 330 -17.00 6.96 -3.09
N ASP A 331 -17.59 6.00 -3.81
CA ASP A 331 -18.75 5.22 -3.31
C ASP A 331 -18.30 4.01 -2.49
N LYS A 332 -16.98 3.78 -2.37
CA LYS A 332 -16.44 2.59 -1.66
C LYS A 332 -16.64 2.74 -0.17
N VAL A 333 -16.99 3.94 0.30
CA VAL A 333 -17.23 4.19 1.75
C VAL A 333 -18.52 4.99 1.90
N ALA A 334 -19.22 4.81 3.02
CA ALA A 334 -20.38 5.64 3.38
C ALA A 334 -19.95 6.53 4.54
N ALA A 335 -19.39 7.69 4.25
CA ALA A 335 -18.89 8.62 5.28
C ALA A 335 -19.37 10.03 4.96
N ILE A 336 -19.56 10.81 6.02
CA ILE A 336 -19.95 12.23 5.92
C ILE A 336 -18.65 13.04 5.87
N GLU A 337 -18.39 13.74 4.77
CA GLU A 337 -17.18 14.60 4.62
C GLU A 337 -17.14 15.56 5.82
N GLY A 338 -16.01 15.58 6.54
CA GLY A 338 -15.87 16.38 7.77
C GLY A 338 -16.22 15.62 9.05
N GLU A 339 -16.80 14.42 9.01
CA GLU A 339 -17.24 13.77 10.28
C GLU A 339 -16.02 13.46 11.16
N PHE A 340 -14.81 13.35 10.60
CA PHE A 340 -13.59 12.93 11.35
C PHE A 340 -12.65 14.10 11.57
N LYS A 341 -13.09 15.32 11.27
CA LYS A 341 -12.25 16.51 11.48
C LYS A 341 -11.96 16.69 12.96
N LEU A 342 -10.69 16.73 13.36
CA LEU A 342 -10.35 16.86 14.79
C LEU A 342 -9.95 18.29 15.11
N ARG A 343 -10.14 18.71 16.36
CA ARG A 343 -9.56 20.00 16.87
C ARG A 343 -8.03 19.89 16.86
N THR A 344 -7.33 21.02 16.93
CA THR A 344 -5.87 21.10 16.67
C THR A 344 -5.10 20.05 17.51
N GLU A 345 -5.32 19.98 18.82
CA GLU A 345 -4.49 19.13 19.70
C GLU A 345 -4.82 17.65 19.44
N GLN A 346 -6.09 17.31 19.27
CA GLN A 346 -6.45 15.90 18.92
C GLN A 346 -5.89 15.54 17.54
N ARG A 347 -5.89 16.46 16.56
CA ARG A 347 -5.28 16.19 15.25
C ARG A 347 -3.81 15.88 15.42
N LYS A 348 -3.10 16.65 16.24
CA LYS A 348 -1.66 16.40 16.44
C LYS A 348 -1.49 15.00 17.03
N THR A 349 -2.33 14.62 17.97
CA THR A 349 -2.21 13.30 18.63
C THR A 349 -2.46 12.22 17.57
N PHE A 350 -3.48 12.43 16.74
CA PHE A 350 -3.85 11.50 15.64
C PHE A 350 -2.63 11.27 14.73
N VAL A 351 -2.01 12.35 14.30
CA VAL A 351 -0.82 12.29 13.44
C VAL A 351 0.30 11.53 14.13
N GLU A 352 0.56 11.84 15.40
CA GLU A 352 1.70 11.20 16.06
C GLU A 352 1.42 9.71 16.25
N LEU A 353 0.18 9.32 16.56
CA LEU A 353 -0.15 7.88 16.73
C LEU A 353 0.12 7.15 15.40
N MET A 354 -0.06 7.82 14.27
CA MET A 354 0.24 7.15 12.98
C MET A 354 1.75 7.17 12.71
N LYS A 355 2.37 8.33 12.82
CA LYS A 355 3.75 8.56 12.36
C LYS A 355 4.74 7.87 13.30
N ARG A 356 4.67 8.15 14.59
CA ARG A 356 5.61 7.53 15.56
C ARG A 356 4.97 6.26 16.11
N GLY A 357 3.68 6.32 16.42
CA GLY A 357 2.97 5.16 16.98
C GLY A 357 2.88 3.97 16.02
N ASP A 358 2.97 4.22 14.72
CA ASP A 358 2.81 3.20 13.66
C ASP A 358 1.47 2.48 13.83
N LEU A 359 0.45 3.15 14.36
CA LEU A 359 -0.89 2.51 14.46
C LEU A 359 -1.67 2.65 13.17
N PRO A 360 -2.56 1.69 12.86
CA PRO A 360 -3.48 1.86 11.75
C PRO A 360 -4.26 3.18 11.93
N VAL A 361 -4.61 3.82 10.82
CA VAL A 361 -5.37 5.08 10.82
C VAL A 361 -6.60 4.96 11.73
N TRP A 362 -7.41 3.93 11.53
CA TRP A 362 -8.69 3.80 12.27
C TRP A 362 -8.41 3.84 13.78
N LEU A 363 -7.44 3.04 14.23
CA LEU A 363 -7.14 2.93 15.67
C LEU A 363 -6.56 4.26 16.17
N ALA A 364 -5.61 4.85 15.44
CA ALA A 364 -5.12 6.23 15.78
C ALA A 364 -6.27 7.20 15.99
N TYR A 365 -7.26 7.18 15.12
CA TYR A 365 -8.45 8.06 15.24
C TYR A 365 -9.23 7.77 16.52
N GLN A 366 -9.50 6.51 16.85
CA GLN A 366 -10.31 6.17 18.06
C GLN A 366 -9.59 6.80 19.25
N VAL A 367 -8.27 6.64 19.34
CA VAL A 367 -7.53 7.09 20.54
C VAL A 367 -7.53 8.61 20.60
N ALA A 368 -7.19 9.27 19.49
CA ALA A 368 -7.04 10.74 19.44
C ALA A 368 -8.42 11.34 19.71
N SER A 369 -9.47 10.79 19.11
CA SER A 369 -10.84 11.37 19.22
C SER A 369 -11.42 11.16 20.61
N ALA A 370 -10.86 10.23 21.38
CA ALA A 370 -11.24 9.96 22.78
C ALA A 370 -10.59 11.00 23.72
N GLY A 371 -9.71 11.87 23.23
CA GLY A 371 -9.06 12.88 24.07
C GLY A 371 -7.86 12.30 24.83
N ILE A 372 -7.36 11.14 24.40
CA ILE A 372 -6.16 10.50 24.99
C ILE A 372 -4.92 11.13 24.38
N THR A 373 -3.88 11.40 25.17
CA THR A 373 -2.60 11.91 24.64
C THR A 373 -1.64 10.79 24.17
N TYR A 374 -0.69 11.15 23.32
CA TYR A 374 0.10 10.17 22.57
C TYR A 374 0.73 9.14 23.52
N THR A 375 1.29 9.57 24.64
CA THR A 375 2.09 8.71 25.55
C THR A 375 1.22 7.98 26.59
N ASP A 376 -0.08 8.20 26.59
CA ASP A 376 -1.02 7.64 27.60
C ASP A 376 -1.49 6.28 27.09
N ARG A 377 -0.97 5.19 27.61
CA ARG A 377 -1.17 3.84 27.02
C ARG A 377 -2.15 3.04 27.85
N ARG A 378 -2.86 3.69 28.80
CA ARG A 378 -3.82 2.98 29.67
C ARG A 378 -4.85 2.22 28.83
N TRP A 379 -5.26 2.81 27.70
CA TRP A 379 -6.28 2.21 26.80
C TRP A 379 -5.82 0.86 26.25
N CYS A 380 -4.52 0.53 26.27
CA CYS A 380 -4.03 -0.76 25.72
C CYS A 380 -4.42 -1.92 26.65
N PHE A 381 -4.86 -1.62 27.87
CA PHE A 381 -5.08 -2.61 28.95
C PHE A 381 -6.52 -2.59 29.51
N ASP A 382 -7.38 -1.63 29.16
CA ASP A 382 -8.67 -1.48 29.90
C ASP A 382 -9.87 -1.80 29.01
N GLY A 383 -9.68 -2.57 27.95
CA GLY A 383 -10.79 -3.01 27.08
C GLY A 383 -11.59 -4.20 27.65
N THR A 384 -12.63 -4.62 26.94
CA THR A 384 -13.49 -5.78 27.33
C THR A 384 -12.65 -7.06 27.25
N THR A 385 -13.04 -8.11 27.96
CA THR A 385 -12.32 -9.41 27.94
C THR A 385 -12.21 -9.92 26.49
N ASN A 386 -13.22 -9.67 25.66
CA ASN A 386 -13.22 -10.21 24.28
C ASN A 386 -12.20 -9.46 23.42
N ASN A 387 -11.67 -8.32 23.87
CA ASN A 387 -10.57 -7.58 23.19
C ASN A 387 -9.19 -8.09 23.62
N THR A 388 -9.15 -9.18 24.40
CA THR A 388 -7.85 -9.79 24.78
C THR A 388 -7.06 -10.21 23.54
N ILE A 389 -5.83 -9.74 23.39
CA ILE A 389 -4.99 -10.19 22.25
C ILE A 389 -4.26 -11.45 22.71
N MET A 390 -4.24 -12.47 21.86
CA MET A 390 -3.62 -13.78 22.18
C MET A 390 -2.23 -13.85 21.57
N GLU A 391 -1.31 -14.54 22.25
N GLU A 391 -1.33 -14.56 22.25
CA GLU A 391 0.02 -14.94 21.71
CA GLU A 391 0.04 -14.92 21.77
C GLU A 391 0.26 -16.39 22.08
C GLU A 391 0.24 -16.41 22.09
N ASP A 392 0.45 -17.25 21.07
CA ASP A 392 0.61 -18.73 21.25
C ASP A 392 -0.54 -19.31 22.09
N SER A 393 -1.76 -18.84 21.84
CA SER A 393 -3.05 -19.36 22.33
C SER A 393 -3.26 -19.08 23.83
N VAL A 394 -2.56 -18.09 24.40
CA VAL A 394 -2.80 -17.56 25.78
C VAL A 394 -2.76 -16.03 25.68
N PRO A 395 -3.39 -15.28 26.60
CA PRO A 395 -3.36 -13.83 26.54
C PRO A 395 -1.91 -13.31 26.46
N ALA A 396 -1.68 -12.35 25.56
CA ALA A 396 -0.37 -11.68 25.38
C ALA A 396 -0.18 -10.80 26.61
N GLU A 397 1.07 -10.67 27.06
CA GLU A 397 1.36 -9.91 28.30
C GLU A 397 2.51 -8.97 27.99
N VAL A 398 2.47 -7.77 28.56
CA VAL A 398 3.61 -6.83 28.49
C VAL A 398 3.87 -6.29 29.88
N TRP A 399 5.09 -5.82 30.09
CA TRP A 399 5.37 -4.93 31.24
C TRP A 399 5.01 -3.52 30.84
N THR A 400 4.10 -2.92 31.58
CA THR A 400 3.66 -1.54 31.37
C THR A 400 4.88 -0.65 31.69
N LYS A 401 4.81 0.57 31.23
CA LYS A 401 5.82 1.60 31.54
C LYS A 401 5.91 1.77 33.05
N TYR A 402 4.90 1.31 33.83
CA TYR A 402 4.92 1.39 35.32
C TYR A 402 5.67 0.18 35.94
N GLY A 403 6.00 -0.81 35.14
CA GLY A 403 6.71 -2.02 35.59
C GLY A 403 5.75 -3.11 36.06
N GLU A 404 4.48 -3.03 35.70
CA GLU A 404 3.43 -4.00 36.09
C GLU A 404 3.23 -4.95 34.90
N LYS A 405 3.20 -6.28 35.11
CA LYS A 405 2.83 -7.19 33.98
C LYS A 405 1.32 -7.13 33.79
N ARG A 406 0.85 -6.88 32.58
CA ARG A 406 -0.59 -6.79 32.30
C ARG A 406 -0.92 -7.49 30.99
N VAL A 407 -2.14 -8.00 30.94
CA VAL A 407 -2.70 -8.61 29.73
C VAL A 407 -2.99 -7.49 28.75
N LEU A 408 -2.60 -7.72 27.51
CA LEU A 408 -2.89 -6.81 26.40
C LEU A 408 -4.38 -6.95 26.04
N LYS A 409 -5.13 -5.88 26.25
CA LYS A 409 -6.61 -5.88 26.12
C LYS A 409 -7.02 -4.48 25.70
N PRO A 410 -6.76 -4.10 24.44
CA PRO A 410 -7.00 -2.71 24.04
C PRO A 410 -8.47 -2.36 24.06
N ARG A 411 -8.72 -1.10 24.41
CA ARG A 411 -10.10 -0.57 24.47
C ARG A 411 -10.76 -0.66 23.11
N TRP A 412 -10.01 -0.40 22.04
CA TRP A 412 -10.42 -0.56 20.62
C TRP A 412 -9.55 -1.66 20.04
N MET A 413 -10.17 -2.66 19.43
CA MET A 413 -9.45 -3.83 18.88
C MET A 413 -9.36 -3.62 17.35
N ASP A 414 -8.15 -3.47 16.84
CA ASP A 414 -7.88 -3.50 15.39
C ASP A 414 -6.99 -4.68 15.07
N ALA A 415 -7.53 -5.64 14.31
CA ALA A 415 -6.88 -6.95 14.02
C ALA A 415 -5.50 -6.74 13.35
N ARG A 416 -5.28 -5.60 12.75
CA ARG A 416 -4.00 -5.27 12.08
C ARG A 416 -2.88 -5.13 13.11
N VAL A 417 -3.15 -4.86 14.39
CA VAL A 417 -2.02 -4.72 15.37
C VAL A 417 -1.49 -6.10 15.78
N CYS A 418 -2.13 -7.20 15.40
CA CYS A 418 -1.65 -8.54 15.83
C CYS A 418 -1.89 -9.59 14.74
N SER A 419 -1.83 -9.20 13.47
CA SER A 419 -2.14 -10.09 12.30
C SER A 419 -0.98 -11.06 11.99
N ASP A 420 0.23 -10.78 12.49
CA ASP A 420 1.43 -11.63 12.33
C ASP A 420 2.37 -11.34 13.50
N HIS A 421 3.42 -12.16 13.69
CA HIS A 421 4.32 -12.03 14.87
C HIS A 421 4.88 -10.61 14.92
N ALA A 422 5.32 -10.05 13.79
CA ALA A 422 6.00 -8.74 13.75
C ALA A 422 5.03 -7.63 14.20
N ALA A 423 3.78 -7.68 13.75
CA ALA A 423 2.76 -6.68 14.12
C ALA A 423 2.54 -6.75 15.64
N LEU A 424 2.33 -7.94 16.18
CA LEU A 424 2.08 -8.11 17.63
C LEU A 424 3.30 -7.60 18.41
N LYS A 425 4.50 -7.93 17.95
CA LYS A 425 5.75 -7.46 18.62
C LYS A 425 5.70 -5.95 18.71
N SER A 426 5.44 -5.28 17.59
CA SER A 426 5.40 -3.79 17.50
C SER A 426 4.31 -3.25 18.43
N PHE A 427 3.15 -3.88 18.47
CA PHE A 427 2.06 -3.38 19.33
C PHE A 427 2.37 -3.59 20.82
N LYS A 428 3.03 -4.68 21.18
CA LYS A 428 3.47 -4.90 22.57
C LYS A 428 4.43 -3.78 22.97
N GLU A 429 5.36 -3.42 22.09
CA GLU A 429 6.35 -2.34 22.37
C GLU A 429 5.61 -1.03 22.55
N PHE A 430 4.59 -0.78 21.74
CA PHE A 430 3.75 0.43 21.89
C PHE A 430 3.07 0.41 23.25
N ALA A 431 2.40 -0.68 23.60
CA ALA A 431 1.61 -0.76 24.83
C ALA A 431 2.51 -0.55 26.04
N ALA A 432 3.75 -0.97 25.93
CA ALA A 432 4.78 -0.87 27.00
C ALA A 432 5.38 0.53 27.10
N GLY A 433 5.07 1.42 26.17
CA GLY A 433 5.57 2.80 26.18
C GLY A 433 6.93 2.96 25.54
N LYS A 434 7.35 2.01 24.70
CA LYS A 434 8.72 1.94 24.18
C LYS A 434 8.87 2.81 22.95
N ARG A 435 7.80 3.46 22.50
CA ARG A 435 7.89 4.49 21.43
C ARG A 435 6.68 5.42 21.54
#